data_8YVB
#
_entry.id   8YVB
#
_cell.length_a   55.767
_cell.length_b   62.464
_cell.length_c   101.564
_cell.angle_alpha   90.00
_cell.angle_beta   90.00
_cell.angle_gamma   90.00
#
_symmetry.space_group_name_H-M   'C 2 2 21'
#
loop_
_entity.id
_entity.type
_entity.pdbx_description
1 polymer 'C2H2-type domain-containing protein'
2 polymer "DNA (5'-D(*TP*TP*GP*GP*TP*CP*TP*GP*CP*TP*A)-3')"
3 polymer "DNA (5'-D(P*AP*GP*CP*AP*GP*AP*CP*CP*AP*A)-3')"
4 non-polymer 'ZINC ION'
5 water water
#
loop_
_entity_poly.entity_id
_entity_poly.type
_entity_poly.pdbx_seq_one_letter_code
_entity_poly.pdbx_strand_id
1 'polypeptide(L)'
;GPHMSFAVPLVQSRSKQKDEMNKVHIIKCHFDKCNKSYNWRKKYGKLRLVDHAFTHVPHLKMKCNFCDYMCKGIRNIRLH
HKKSHPDEQLTGFGIKSVVRTSKKGKDLAKVWDECFKKNRVLQHGSGT
;
A
2 'polydeoxyribonucleotide' (DT)(DT)(DG)(DG)(DT)(DC)(DT)(DG)(DC)(DT)(DA) B
3 'polydeoxyribonucleotide' (DA)(DG)(DC)(DA)(DG)(DA)(DC)(DC)(DA)(DA) C
#
loop_
_chem_comp.id
_chem_comp.type
_chem_comp.name
_chem_comp.formula
DA DNA linking 2'-DEOXYADENOSINE-5'-MONOPHOSPHATE 'C10 H14 N5 O6 P'
DC DNA linking 2'-DEOXYCYTIDINE-5'-MONOPHOSPHATE 'C9 H14 N3 O7 P'
DG DNA linking 2'-DEOXYGUANOSINE-5'-MONOPHOSPHATE 'C10 H14 N5 O7 P'
DT DNA linking THYMIDINE-5'-MONOPHOSPHATE 'C10 H15 N2 O8 P'
ZN non-polymer 'ZINC ION' 'Zn 2'
#
# COMPACT_ATOMS: atom_id res chain seq x y z
N ASN A 22 19.57 9.15 -5.66
CA ASN A 22 18.26 8.60 -6.02
C ASN A 22 18.39 7.58 -7.15
N LYS A 23 19.35 6.66 -7.00
CA LYS A 23 19.54 5.62 -8.01
C LYS A 23 18.38 4.62 -7.95
N VAL A 24 18.33 3.77 -8.97
CA VAL A 24 17.28 2.76 -9.07
C VAL A 24 17.71 1.52 -8.27
N HIS A 25 16.79 1.00 -7.46
CA HIS A 25 17.02 -0.20 -6.67
C HIS A 25 16.01 -1.27 -7.07
N ILE A 26 16.45 -2.53 -6.99
CA ILE A 26 15.58 -3.66 -7.23
C ILE A 26 14.98 -4.08 -5.88
N ILE A 27 13.68 -3.86 -5.73
CA ILE A 27 12.97 -4.19 -4.50
C ILE A 27 12.20 -5.49 -4.72
N LYS A 28 12.46 -6.48 -3.88
CA LYS A 28 11.88 -7.81 -4.02
C LYS A 28 10.89 -8.08 -2.89
N CYS A 29 9.77 -8.70 -3.24
CA CYS A 29 8.82 -9.16 -2.25
C CYS A 29 9.25 -10.53 -1.72
N HIS A 30 9.32 -10.66 -0.40
CA HIS A 30 9.79 -11.89 0.22
C HIS A 30 8.64 -12.73 0.78
N PHE A 31 7.40 -12.41 0.44
CA PHE A 31 6.28 -13.23 0.89
C PHE A 31 6.40 -14.62 0.28
N ASP A 32 5.82 -15.61 0.97
CA ASP A 32 5.94 -17.00 0.57
C ASP A 32 5.45 -17.21 -0.86
N LYS A 33 6.32 -17.79 -1.70
CA LYS A 33 6.01 -18.16 -3.07
C LYS A 33 5.73 -16.96 -3.98
N CYS A 34 6.19 -15.77 -3.62
CA CYS A 34 5.97 -14.59 -4.44
C CYS A 34 7.29 -14.17 -5.08
N ASN A 35 7.26 -13.94 -6.40
CA ASN A 35 8.42 -13.53 -7.16
C ASN A 35 8.30 -12.10 -7.69
N LYS A 36 7.47 -11.29 -7.06
CA LYS A 36 7.28 -9.92 -7.51
C LYS A 36 8.52 -9.08 -7.19
N SER A 37 8.86 -8.19 -8.12
CA SER A 37 9.96 -7.27 -7.93
C SER A 37 9.61 -5.94 -8.58
N TYR A 38 10.17 -4.86 -8.06
CA TYR A 38 9.89 -3.50 -8.53
C TYR A 38 11.18 -2.73 -8.71
N ASN A 39 11.23 -1.96 -9.81
CA ASN A 39 12.26 -0.93 -9.95
C ASN A 39 11.83 0.29 -9.15
N TRP A 40 12.65 0.72 -8.21
CA TRP A 40 12.23 1.68 -7.20
C TRP A 40 13.32 2.71 -6.95
N ARG A 41 12.90 3.96 -6.72
CA ARG A 41 13.77 5.04 -6.31
C ARG A 41 13.27 5.62 -4.99
N LYS A 42 14.20 6.20 -4.22
CA LYS A 42 13.84 6.78 -2.93
C LYS A 42 12.71 7.79 -3.06
N LYS A 43 12.77 8.64 -4.10
CA LYS A 43 11.79 9.70 -4.26
C LYS A 43 10.38 9.16 -4.50
N TYR A 44 10.25 7.93 -5.01
CA TYR A 44 8.93 7.38 -5.30
C TYR A 44 8.06 7.28 -4.06
N GLY A 45 8.66 6.95 -2.92
CA GLY A 45 7.85 6.59 -1.78
C GLY A 45 7.37 5.15 -1.89
N LYS A 46 6.44 4.80 -1.00
CA LYS A 46 6.11 3.40 -0.76
C LYS A 46 4.70 2.99 -1.17
N LEU A 47 3.99 3.83 -1.92
CA LEU A 47 2.60 3.51 -2.27
C LEU A 47 2.49 2.17 -3.01
N ARG A 48 3.28 2.01 -4.07
CA ARG A 48 3.19 0.77 -4.85
C ARG A 48 3.60 -0.44 -4.02
N LEU A 49 4.58 -0.26 -3.13
CA LEU A 49 5.04 -1.36 -2.29
C LEU A 49 4.00 -1.75 -1.25
N VAL A 50 3.39 -0.75 -0.59
CA VAL A 50 2.35 -1.04 0.39
C VAL A 50 1.19 -1.77 -0.26
N ASP A 51 0.74 -1.27 -1.42
CA ASP A 51 -0.38 -1.90 -2.11
C ASP A 51 -0.07 -3.34 -2.48
N HIS A 52 1.17 -3.62 -2.88
CA HIS A 52 1.51 -5.01 -3.21
C HIS A 52 1.48 -5.90 -1.97
N ALA A 53 1.98 -5.40 -0.85
CA ALA A 53 1.92 -6.17 0.40
C ALA A 53 0.48 -6.51 0.76
N PHE A 54 -0.44 -5.59 0.49
CA PHE A 54 -1.84 -5.79 0.81
C PHE A 54 -2.49 -6.87 -0.04
N THR A 55 -1.94 -7.17 -1.22
CA THR A 55 -2.48 -8.28 -2.01
C THR A 55 -2.22 -9.62 -1.35
N HIS A 56 -1.31 -9.69 -0.37
CA HIS A 56 -1.06 -10.91 0.39
C HIS A 56 -1.91 -11.00 1.65
N VAL A 57 -2.82 -10.07 1.87
CA VAL A 57 -3.66 -10.05 3.07
C VAL A 57 -5.04 -10.58 2.66
N PRO A 58 -5.45 -11.75 3.11
CA PRO A 58 -6.78 -12.27 2.74
C PRO A 58 -7.89 -11.42 3.32
N HIS A 59 -8.95 -11.24 2.54
CA HIS A 59 -10.18 -10.57 2.93
C HIS A 59 -9.99 -9.08 3.24
N LEU A 60 -8.80 -8.53 3.02
CA LEU A 60 -8.60 -7.10 3.20
C LEU A 60 -9.21 -6.36 2.02
N LYS A 61 -10.05 -5.38 2.30
CA LYS A 61 -10.72 -4.62 1.26
C LYS A 61 -10.78 -3.16 1.66
N MET A 62 -10.65 -2.28 0.66
CA MET A 62 -10.85 -0.85 0.84
C MET A 62 -12.29 -0.52 0.44
N LYS A 63 -13.07 -0.02 1.39
CA LYS A 63 -14.47 0.31 1.14
C LYS A 63 -14.61 1.80 0.88
N CYS A 64 -15.40 2.15 -0.12
CA CYS A 64 -15.67 3.56 -0.39
C CYS A 64 -16.60 4.11 0.67
N ASN A 65 -16.26 5.27 1.22
CA ASN A 65 -17.10 5.91 2.23
C ASN A 65 -18.31 6.63 1.65
N PHE A 66 -18.47 6.61 0.32
CA PHE A 66 -19.56 7.33 -0.33
C PHE A 66 -20.48 6.45 -1.15
N CYS A 67 -20.14 5.17 -1.33
CA CYS A 67 -21.04 4.21 -1.98
C CYS A 67 -20.61 2.81 -1.56
N ASP A 68 -21.26 1.81 -2.13
CA ASP A 68 -20.96 0.42 -1.77
C ASP A 68 -19.76 -0.14 -2.51
N TYR A 69 -19.01 0.69 -3.23
CA TYR A 69 -17.84 0.19 -3.95
C TYR A 69 -16.78 -0.30 -2.98
N MET A 70 -16.14 -1.41 -3.36
CA MET A 70 -15.02 -1.96 -2.61
C MET A 70 -13.95 -2.36 -3.58
N CYS A 71 -12.70 -2.28 -3.13
CA CYS A 71 -11.55 -2.71 -3.93
C CYS A 71 -10.42 -3.06 -2.97
N LYS A 72 -9.33 -3.54 -3.55
CA LYS A 72 -8.08 -3.73 -2.83
C LYS A 72 -7.09 -2.68 -3.29
N GLY A 73 -6.42 -2.04 -2.35
CA GLY A 73 -5.33 -1.14 -2.71
C GLY A 73 -5.67 0.32 -2.47
N ILE A 74 -4.70 1.06 -1.94
CA ILE A 74 -4.85 2.49 -1.72
C ILE A 74 -4.95 3.23 -3.04
N ARG A 75 -4.06 2.89 -4.00
CA ARG A 75 -4.11 3.57 -5.30
C ARG A 75 -5.47 3.41 -5.96
N ASN A 76 -6.06 2.22 -5.85
CA ASN A 76 -7.33 1.98 -6.53
C ASN A 76 -8.48 2.73 -5.88
N ILE A 77 -8.53 2.78 -4.53
CA ILE A 77 -9.63 3.48 -3.89
C ILE A 77 -9.54 4.97 -4.14
N ARG A 78 -8.32 5.51 -4.27
CA ARG A 78 -8.18 6.93 -4.60
C ARG A 78 -8.64 7.20 -6.03
N LEU A 79 -8.30 6.31 -6.96
CA LEU A 79 -8.79 6.45 -8.33
C LEU A 79 -10.31 6.38 -8.38
N HIS A 80 -10.91 5.49 -7.57
CA HIS A 80 -12.37 5.43 -7.51
C HIS A 80 -12.95 6.74 -7.01
N HIS A 81 -12.36 7.32 -5.97
CA HIS A 81 -12.84 8.60 -5.45
C HIS A 81 -12.78 9.69 -6.51
N LYS A 82 -11.66 9.76 -7.23
CA LYS A 82 -11.47 10.80 -8.23
C LYS A 82 -12.51 10.67 -9.36
N LYS A 83 -12.74 9.45 -9.83
CA LYS A 83 -13.61 9.26 -10.98
C LYS A 83 -15.09 9.26 -10.62
N SER A 84 -15.46 8.61 -9.50
CA SER A 84 -16.86 8.43 -9.17
C SER A 84 -17.41 9.50 -8.23
N HIS A 85 -16.55 10.23 -7.51
CA HIS A 85 -17.00 11.23 -6.55
C HIS A 85 -16.23 12.53 -6.71
N PRO A 86 -16.28 13.15 -7.89
CA PRO A 86 -15.53 14.41 -8.10
C PRO A 86 -16.10 15.58 -7.31
N ASP A 87 -17.31 15.48 -6.77
CA ASP A 87 -17.86 16.53 -5.93
C ASP A 87 -17.36 16.45 -4.49
N GLU A 88 -16.74 15.35 -4.09
CA GLU A 88 -16.19 15.21 -2.74
C GLU A 88 -14.74 15.68 -2.79
N GLN A 89 -14.55 16.97 -2.52
CA GLN A 89 -13.19 17.52 -2.45
C GLN A 89 -12.40 16.93 -1.29
N LEU A 90 -13.08 16.38 -0.30
CA LEU A 90 -12.41 15.72 0.81
C LEU A 90 -11.63 14.51 0.31
N THR A 91 -10.39 14.39 0.77
CA THR A 91 -9.46 13.43 0.21
C THR A 91 -9.45 12.13 1.02
N GLY A 92 -8.93 11.08 0.39
CA GLY A 92 -8.77 9.81 1.04
C GLY A 92 -7.63 9.82 2.04
N PHE A 93 -7.43 8.66 2.66
CA PHE A 93 -6.49 8.53 3.78
C PHE A 93 -5.05 8.60 3.31
N GLY A 94 -4.21 9.19 4.16
CA GLY A 94 -2.78 9.20 3.90
C GLY A 94 -2.15 7.84 4.16
N ILE A 95 -1.07 7.55 3.41
CA ILE A 95 -0.42 6.26 3.54
C ILE A 95 0.08 6.03 4.96
N LYS A 96 0.43 7.09 5.68
CA LYS A 96 0.94 6.97 7.04
C LYS A 96 -0.16 6.94 8.09
N SER A 97 -1.42 6.80 7.68
CA SER A 97 -2.52 6.62 8.61
C SER A 97 -3.05 5.19 8.64
N VAL A 98 -2.66 4.37 7.65
CA VAL A 98 -3.30 3.06 7.48
C VAL A 98 -3.03 2.16 8.68
N VAL A 99 -1.75 2.02 9.06
CA VAL A 99 -1.39 1.09 10.13
C VAL A 99 -2.01 1.51 11.45
N ARG A 100 -2.01 2.81 11.74
CA ARG A 100 -2.29 3.29 13.08
C ARG A 100 -3.79 3.48 13.35
N THR A 101 -4.64 3.39 12.34
CA THR A 101 -6.08 3.52 12.54
C THR A 101 -6.89 2.32 12.08
N SER A 102 -6.32 1.43 11.28
CA SER A 102 -7.03 0.22 10.89
C SER A 102 -7.15 -0.73 12.08
N LYS A 103 -8.30 -1.39 12.18
CA LYS A 103 -8.47 -2.38 13.24
C LYS A 103 -7.52 -3.56 13.05
N LYS A 104 -7.19 -3.89 11.81
CA LYS A 104 -6.19 -4.90 11.49
C LYS A 104 -4.83 -4.29 11.20
N GLY A 105 -4.51 -3.15 11.83
CA GLY A 105 -3.26 -2.48 11.54
C GLY A 105 -2.04 -3.30 11.89
N LYS A 106 -2.12 -4.08 12.97
CA LYS A 106 -1.02 -4.97 13.33
C LYS A 106 -0.77 -5.99 12.22
N ASP A 107 -1.84 -6.54 11.64
CA ASP A 107 -1.68 -7.49 10.55
C ASP A 107 -1.11 -6.82 9.31
N LEU A 108 -1.49 -5.56 9.07
CA LEU A 108 -0.98 -4.85 7.90
C LEU A 108 0.51 -4.54 8.04
N ALA A 109 0.92 -4.06 9.21
CA ALA A 109 2.34 -3.86 9.45
C ALA A 109 3.10 -5.18 9.43
N LYS A 110 2.45 -6.27 9.85
CA LYS A 110 3.10 -7.57 9.82
C LYS A 110 3.32 -8.05 8.39
N VAL A 111 2.32 -7.88 7.52
CA VAL A 111 2.49 -8.34 6.14
C VAL A 111 3.51 -7.48 5.41
N TRP A 112 3.62 -6.20 5.76
CA TRP A 112 4.67 -5.37 5.18
C TRP A 112 6.05 -5.92 5.54
N ASP A 113 6.25 -6.26 6.82
CA ASP A 113 7.56 -6.79 7.22
C ASP A 113 7.85 -8.12 6.53
N GLU A 114 6.83 -8.98 6.42
CA GLU A 114 7.03 -10.25 5.73
C GLU A 114 7.41 -10.06 4.26
N CYS A 115 6.91 -8.99 3.64
CA CYS A 115 7.14 -8.76 2.22
C CYS A 115 8.43 -8.00 1.93
N PHE A 116 8.67 -6.90 2.65
CA PHE A 116 9.68 -5.95 2.21
C PHE A 116 10.72 -5.56 3.26
N LYS A 117 10.64 -6.06 4.49
CA LYS A 117 11.57 -5.61 5.53
C LYS A 117 13.02 -5.98 5.19
N LYS A 118 13.23 -7.06 4.44
CA LYS A 118 14.60 -7.48 4.13
C LYS A 118 15.28 -6.58 3.10
N ASN A 119 14.56 -5.66 2.46
CA ASN A 119 15.16 -4.69 1.54
C ASN A 119 15.72 -3.55 2.37
N ARG A 120 17.05 -3.56 2.58
CA ARG A 120 17.67 -2.59 3.47
C ARG A 120 17.48 -1.16 3.00
N VAL A 121 17.46 -0.93 1.69
CA VAL A 121 17.35 0.44 1.18
C VAL A 121 15.99 1.06 1.43
N LEU A 122 14.99 0.26 1.81
CA LEU A 122 13.71 0.82 2.21
C LEU A 122 13.77 1.48 3.58
N GLN A 123 14.87 1.32 4.30
CA GLN A 123 15.03 2.01 5.58
C GLN A 123 15.27 3.49 5.36
N HIS A 124 14.65 4.31 6.20
CA HIS A 124 14.86 5.75 6.14
C HIS A 124 16.30 6.10 6.44
N GLY A 125 16.91 6.92 5.58
CA GLY A 125 18.27 7.37 5.80
C GLY A 125 19.35 6.42 5.36
N SER A 126 19.07 5.54 4.41
CA SER A 126 20.10 4.63 3.89
C SER A 126 19.78 4.22 2.47
ZN ZN D . 4.47 -10.40 -3.03
ZN ZN E . -17.70 5.24 -4.15
#